data_6FJD
#
_entry.id   6FJD
#
_cell.length_a   83.404
_cell.length_b   83.404
_cell.length_c   208.254
_cell.angle_alpha   90.00
_cell.angle_beta   90.00
_cell.angle_gamma   120.00
#
_symmetry.space_group_name_H-M   'P 61 2 2'
#
loop_
_entity.id
_entity.type
_entity.pdbx_description
1 polymer 'Protein KIBRA'
2 non-polymer GLYCEROL
3 non-polymer 'SULFATE ION'
4 non-polymer '(2R)-3-{[(R)-HYDROXY{[(1R,2R,3S,4R,5R,6S)-2,3,6-TRIHYDROXY-4,5-BIS(PHOSPHONOOXY)CYCLOHEXYL]OXY}PHOSPHORYL]OXY}PROPANE-1 ,2-DIYL DIBUTANOATE'
5 water water
#
_entity_poly.entity_id   1
_entity_poly.type   'polypeptide(L)'
_entity_poly.pdbx_seq_one_letter_code
;MRGSHHHHHHGSGATRIQIALKYDEKNKQFAILIIQLSNLSALLQQQDQKVNIRVAVLPCSESTTCLFRTRPLDASDTLV
FNEVFWVSMSYPALHQKTLRVDVCTTDRSHLEECLGGAQISLAEVARSGERSTRWYNLLS
;
_entity_poly.pdbx_strand_id   A,B
#
loop_
_chem_comp.id
_chem_comp.type
_chem_comp.name
_chem_comp.formula
GOL non-polymer GLYCEROL 'C3 H8 O3'
PBU non-polymer '(2R)-3-{[(R)-HYDROXY{[(1R,2R,3S,4R,5R,6S)-2,3,6-TRIHYDROXY-4,5-BIS(PHOSPHONOOXY)CYCLOHEXYL]OXY}PHOSPHORYL]OXY}PROPANE-1 ,2-DIYL DIBUTANOATE' 'C17 H33 O19 P3'
SO4 non-polymer 'SULFATE ION' 'O4 S -2'
#
# COMPACT_ATOMS: atom_id res chain seq x y z
N SER A 12 -17.56 12.04 0.96
CA SER A 12 -18.18 11.26 -0.10
C SER A 12 -17.87 9.77 0.03
N GLY A 13 -16.68 9.45 0.54
CA GLY A 13 -16.22 8.09 0.72
C GLY A 13 -14.78 7.94 0.25
N ALA A 14 -14.35 6.69 0.13
CA ALA A 14 -13.03 6.37 -0.40
C ALA A 14 -13.15 6.02 -1.87
N THR A 15 -12.19 6.48 -2.66
CA THR A 15 -12.10 6.04 -4.04
C THR A 15 -11.32 4.74 -4.05
N ARG A 16 -11.82 3.75 -4.77
CA ARG A 16 -11.24 2.42 -4.77
C ARG A 16 -10.86 2.01 -6.18
N ILE A 17 -9.85 1.15 -6.26
CA ILE A 17 -9.43 0.53 -7.51
C ILE A 17 -9.39 -0.97 -7.29
N GLN A 18 -9.78 -1.73 -8.31
CA GLN A 18 -9.75 -3.19 -8.26
C GLN A 18 -8.62 -3.70 -9.14
N ILE A 19 -7.77 -4.54 -8.57
CA ILE A 19 -6.58 -5.03 -9.24
C ILE A 19 -6.47 -6.52 -8.99
N ALA A 20 -6.16 -7.28 -10.04
CA ALA A 20 -5.75 -8.67 -9.90
C ALA A 20 -4.26 -8.81 -10.18
N LEU A 21 -3.63 -9.77 -9.49
CA LEU A 21 -2.21 -10.00 -9.59
C LEU A 21 -1.97 -11.49 -9.75
N LYS A 22 -0.96 -11.85 -10.54
CA LYS A 22 -0.68 -13.25 -10.87
C LYS A 22 0.78 -13.37 -11.30
N TYR A 23 1.50 -14.30 -10.71
CA TYR A 23 2.84 -14.63 -11.18
C TYR A 23 2.81 -15.88 -12.03
N ASP A 24 3.55 -15.85 -13.13
CA ASP A 24 3.65 -16.92 -14.10
C ASP A 24 5.07 -17.45 -14.07
N GLU A 25 5.34 -18.44 -13.22
CA GLU A 25 6.71 -18.95 -13.07
C GLU A 25 7.19 -19.72 -14.29
N LYS A 26 6.28 -20.22 -15.13
CA LYS A 26 6.70 -20.84 -16.38
C LYS A 26 7.51 -19.86 -17.22
N ASN A 27 6.99 -18.65 -17.40
CA ASN A 27 7.67 -17.62 -18.16
C ASN A 27 8.41 -16.61 -17.30
N LYS A 28 8.35 -16.75 -15.97
CA LYS A 28 9.01 -15.82 -15.07
C LYS A 28 8.60 -14.39 -15.41
N GLN A 29 7.30 -14.13 -15.25
CA GLN A 29 6.71 -12.83 -15.50
C GLN A 29 5.55 -12.62 -14.53
N PHE A 30 5.30 -11.35 -14.23
CA PHE A 30 4.28 -10.93 -13.29
C PHE A 30 3.22 -10.14 -14.03
N ALA A 31 1.98 -10.56 -13.89
CA ALA A 31 0.86 -9.88 -14.53
C ALA A 31 0.15 -8.96 -13.54
N ILE A 32 -0.12 -7.73 -14.00
CA ILE A 32 -0.89 -6.75 -13.26
C ILE A 32 -2.13 -6.44 -14.11
N LEU A 33 -3.29 -6.73 -13.56
CA LEU A 33 -4.57 -6.49 -14.24
C LEU A 33 -5.26 -5.33 -13.54
N ILE A 34 -5.45 -4.23 -14.26
CA ILE A 34 -6.14 -3.07 -13.72
C ILE A 34 -7.58 -3.17 -14.18
N ILE A 35 -8.48 -3.39 -13.23
CA ILE A 35 -9.86 -3.71 -13.57
C ILE A 35 -10.69 -2.42 -13.62
N GLN A 36 -10.81 -1.72 -12.50
CA GLN A 36 -11.80 -0.65 -12.49
C GLN A 36 -11.63 0.23 -11.25
N LEU A 37 -12.30 1.37 -11.31
CA LEU A 37 -12.43 2.30 -10.19
C LEU A 37 -13.89 2.39 -9.80
N SER A 38 -14.13 2.58 -8.52
CA SER A 38 -15.46 2.91 -8.02
C SER A 38 -15.36 4.14 -7.15
N ASN A 39 -16.50 4.83 -7.05
CA ASN A 39 -16.59 6.09 -6.34
C ASN A 39 -15.48 7.04 -6.75
N LEU A 40 -15.31 7.18 -8.08
CA LEU A 40 -14.38 8.17 -8.59
C LEU A 40 -14.87 9.59 -8.32
N SER A 41 -16.17 9.76 -8.12
CA SER A 41 -16.72 11.08 -7.80
C SER A 41 -16.01 11.72 -6.62
N ALA A 42 -15.72 10.91 -5.61
CA ALA A 42 -15.07 11.42 -4.42
C ALA A 42 -13.72 12.03 -4.73
N LEU A 43 -12.95 11.40 -5.62
CA LEU A 43 -11.59 11.86 -5.87
C LEU A 43 -11.53 13.11 -6.73
N LEU A 44 -12.56 13.37 -7.54
CA LEU A 44 -12.55 14.46 -8.52
C LEU A 44 -13.44 15.59 -8.05
N GLN A 45 -12.93 16.82 -8.14
CA GLN A 45 -13.75 18.01 -8.02
C GLN A 45 -14.32 18.39 -9.38
N GLN A 46 -13.46 18.39 -10.38
CA GLN A 46 -13.86 18.75 -11.72
C GLN A 46 -14.73 17.65 -12.33
N GLN A 47 -15.39 17.99 -13.43
CA GLN A 47 -16.24 17.07 -14.15
C GLN A 47 -15.73 16.98 -15.58
N ASP A 48 -15.92 15.81 -16.20
CA ASP A 48 -15.65 15.52 -17.60
C ASP A 48 -14.17 15.32 -17.90
N GLN A 49 -13.30 15.32 -16.90
CA GLN A 49 -11.89 15.07 -17.15
C GLN A 49 -11.67 13.64 -17.65
N LYS A 50 -10.49 13.43 -18.25
CA LYS A 50 -10.08 12.13 -18.77
C LYS A 50 -9.06 11.51 -17.82
N VAL A 51 -9.24 10.23 -17.51
CA VAL A 51 -8.57 9.58 -16.39
C VAL A 51 -7.79 8.37 -16.87
N ASN A 52 -6.54 8.26 -16.46
CA ASN A 52 -5.75 7.05 -16.67
C ASN A 52 -5.15 6.59 -15.35
N ILE A 53 -4.54 5.42 -15.38
CA ILE A 53 -3.88 4.83 -14.22
C ILE A 53 -2.38 4.74 -14.54
N ARG A 54 -1.54 5.05 -13.56
CA ARG A 54 -0.11 4.97 -13.70
C ARG A 54 0.38 3.89 -12.76
N VAL A 55 0.98 2.84 -13.32
CA VAL A 55 1.44 1.68 -12.56
C VAL A 55 2.96 1.69 -12.55
N ALA A 56 3.55 1.52 -11.37
CA ALA A 56 5.00 1.50 -11.23
C ALA A 56 5.43 0.37 -10.31
N VAL A 57 6.40 -0.42 -10.75
CA VAL A 57 6.93 -1.54 -9.99
C VAL A 57 8.25 -1.08 -9.38
N LEU A 58 8.29 -0.97 -8.05
CA LEU A 58 9.34 -0.25 -7.35
C LEU A 58 9.97 -1.12 -6.28
N PRO A 59 11.24 -0.86 -5.95
CA PRO A 59 12.13 0.12 -6.56
C PRO A 59 12.40 -0.24 -8.01
N CYS A 60 12.74 0.73 -8.84
CA CYS A 60 12.75 0.52 -10.29
C CYS A 60 14.09 -0.04 -10.71
N SER A 61 14.14 -1.35 -10.93
CA SER A 61 15.34 -1.99 -11.47
C SER A 61 15.51 -1.60 -12.94
N GLU A 62 16.70 -1.08 -13.28
CA GLU A 62 16.93 -0.51 -14.60
C GLU A 62 17.05 -1.57 -15.69
N SER A 63 17.10 -2.86 -15.34
CA SER A 63 17.19 -3.89 -16.36
C SER A 63 15.96 -3.88 -17.26
N THR A 64 14.76 -3.95 -16.68
CA THR A 64 13.51 -4.01 -17.44
C THR A 64 12.65 -2.80 -17.14
N THR A 65 11.47 -2.76 -17.77
CA THR A 65 10.58 -1.62 -17.65
C THR A 65 9.72 -1.73 -16.41
N CYS A 66 9.60 -0.62 -15.70
CA CYS A 66 8.93 -0.60 -14.43
C CYS A 66 7.74 0.36 -14.37
N LEU A 67 7.56 1.21 -15.37
CA LEU A 67 6.49 2.20 -15.39
C LEU A 67 5.52 1.90 -16.53
N PHE A 68 4.22 1.82 -16.20
CA PHE A 68 3.16 1.52 -17.17
C PHE A 68 2.02 2.53 -16.99
N ARG A 69 1.19 2.67 -18.04
CA ARG A 69 0.09 3.63 -18.05
C ARG A 69 -1.11 3.02 -18.76
N THR A 70 -2.30 3.15 -18.18
CA THR A 70 -3.49 2.71 -18.91
C THR A 70 -3.86 3.73 -19.97
N ARG A 71 -4.78 3.31 -20.84
CA ARG A 71 -5.37 4.26 -21.76
C ARG A 71 -6.19 5.27 -20.96
N PRO A 72 -6.41 6.45 -21.52
CA PRO A 72 -7.32 7.42 -20.89
C PRO A 72 -8.77 7.18 -21.27
N LEU A 73 -9.64 7.36 -20.29
CA LEU A 73 -11.06 7.14 -20.47
C LEU A 73 -11.81 8.33 -19.89
N ASP A 74 -13.01 8.54 -20.41
CA ASP A 74 -13.84 9.61 -19.89
C ASP A 74 -14.30 9.24 -18.48
N ALA A 75 -13.97 10.11 -17.53
CA ALA A 75 -14.31 9.90 -16.13
C ALA A 75 -15.78 9.55 -15.93
N SER A 76 -16.02 8.49 -15.16
CA SER A 76 -17.33 8.14 -14.62
C SER A 76 -17.14 7.57 -13.21
N ASP A 77 -18.18 7.67 -12.38
CA ASP A 77 -18.03 7.27 -10.98
C ASP A 77 -17.53 5.83 -10.88
N THR A 78 -18.13 4.93 -11.63
CA THR A 78 -17.50 3.67 -12.00
C THR A 78 -16.77 3.82 -13.33
N LEU A 79 -15.59 3.21 -13.44
CA LEU A 79 -14.80 3.31 -14.66
C LEU A 79 -13.98 2.05 -14.83
N VAL A 80 -14.34 1.23 -15.81
CA VAL A 80 -13.63 -0.02 -16.10
C VAL A 80 -12.55 0.21 -17.14
N PHE A 81 -11.36 -0.34 -16.87
CA PHE A 81 -10.23 -0.25 -17.77
C PHE A 81 -9.84 -1.60 -18.35
N ASN A 82 -9.92 -2.64 -17.54
CA ASN A 82 -9.43 -3.97 -17.92
C ASN A 82 -8.20 -3.92 -18.81
N GLU A 83 -7.09 -3.48 -18.25
CA GLU A 83 -5.82 -3.44 -18.95
C GLU A 83 -4.82 -4.27 -18.14
N VAL A 84 -4.09 -5.14 -18.83
CA VAL A 84 -3.12 -6.03 -18.19
C VAL A 84 -1.73 -5.67 -18.70
N PHE A 85 -0.78 -5.60 -17.77
CA PHE A 85 0.62 -5.35 -18.06
C PHE A 85 1.43 -6.53 -17.55
N TRP A 86 2.36 -7.01 -18.36
CA TRP A 86 3.25 -8.08 -17.96
C TRP A 86 4.66 -7.57 -17.73
N VAL A 87 5.32 -8.06 -16.69
CA VAL A 87 6.62 -7.58 -16.25
C VAL A 87 7.55 -8.77 -16.06
N SER A 88 8.73 -8.71 -16.68
CA SER A 88 9.72 -9.78 -16.54
C SER A 88 10.48 -9.66 -15.22
N MET A 89 10.51 -10.75 -14.47
CA MET A 89 11.02 -10.70 -13.11
C MET A 89 11.02 -12.07 -12.45
N SER A 90 12.14 -12.47 -11.85
CA SER A 90 12.12 -13.68 -11.06
C SER A 90 11.28 -13.47 -9.81
N TYR A 91 10.68 -14.55 -9.32
CA TYR A 91 9.86 -14.51 -8.12
C TYR A 91 10.59 -13.87 -6.93
N PRO A 92 11.84 -14.23 -6.65
CA PRO A 92 12.52 -13.55 -5.55
C PRO A 92 12.60 -12.05 -5.75
N ALA A 93 12.91 -11.62 -6.98
CA ALA A 93 12.91 -10.20 -7.30
C ALA A 93 11.56 -9.58 -6.99
N LEU A 94 10.49 -10.22 -7.46
CA LEU A 94 9.13 -9.71 -7.28
C LEU A 94 8.83 -9.43 -5.82
N HIS A 95 9.29 -10.32 -4.94
CA HIS A 95 8.97 -10.28 -3.52
C HIS A 95 9.69 -9.17 -2.76
N GLN A 96 10.53 -8.38 -3.42
CA GLN A 96 11.14 -7.20 -2.82
C GLN A 96 10.44 -5.93 -3.25
N LYS A 97 9.46 -6.04 -4.13
CA LYS A 97 8.86 -4.92 -4.85
C LYS A 97 7.60 -4.43 -4.15
N THR A 98 7.36 -3.14 -4.29
CA THR A 98 6.07 -2.53 -3.96
C THR A 98 5.47 -2.03 -5.26
N LEU A 99 4.18 -2.29 -5.45
CA LEU A 99 3.44 -1.78 -6.59
C LEU A 99 2.75 -0.46 -6.24
N ARG A 100 2.86 0.54 -7.10
CA ARG A 100 2.21 1.82 -6.88
C ARG A 100 1.32 2.13 -8.07
N VAL A 101 0.03 2.33 -7.79
CA VAL A 101 -0.97 2.67 -8.81
C VAL A 101 -1.58 3.99 -8.39
N ASP A 102 -1.62 4.94 -9.32
CA ASP A 102 -2.18 6.25 -9.06
C ASP A 102 -3.21 6.56 -10.13
N VAL A 103 -4.25 7.29 -9.74
CA VAL A 103 -5.30 7.73 -10.65
C VAL A 103 -4.98 9.15 -11.09
N CYS A 104 -4.73 9.33 -12.38
CA CYS A 104 -4.27 10.60 -12.92
C CYS A 104 -5.28 11.12 -13.93
N THR A 105 -5.48 12.44 -13.94
CA THR A 105 -6.24 13.08 -14.99
C THR A 105 -5.25 13.64 -16.00
N THR A 106 -5.69 13.74 -17.25
CA THR A 106 -4.78 14.10 -18.32
C THR A 106 -5.54 14.82 -19.42
N ASP A 107 -4.81 15.65 -20.16
CA ASP A 107 -5.35 16.49 -21.22
C ASP A 107 -4.37 16.46 -22.39
N ARG A 108 -4.73 17.13 -23.48
N ARG A 108 -4.76 17.10 -23.49
CA ARG A 108 -3.91 17.15 -24.68
CA ARG A 108 -3.91 17.12 -24.68
C ARG A 108 -2.48 17.60 -24.36
C ARG A 108 -2.50 17.65 -24.37
N SER A 109 -2.28 18.18 -23.17
CA SER A 109 -0.94 18.58 -22.74
C SER A 109 -0.04 17.39 -22.48
N HIS A 110 -0.62 16.21 -22.28
CA HIS A 110 0.08 14.98 -21.94
C HIS A 110 0.76 15.08 -20.58
N LEU A 111 0.27 15.95 -19.71
CA LEU A 111 0.77 16.06 -18.35
C LEU A 111 -0.17 15.33 -17.40
N GLU A 112 0.40 14.47 -16.56
CA GLU A 112 -0.38 13.70 -15.60
C GLU A 112 -0.69 14.56 -14.39
N GLU A 113 -1.88 14.39 -13.84
CA GLU A 113 -2.26 14.99 -12.57
C GLU A 113 -2.71 13.85 -11.66
N CYS A 114 -1.76 13.16 -11.07
CA CYS A 114 -2.08 11.98 -10.27
C CYS A 114 -2.56 12.44 -8.90
N LEU A 115 -3.88 12.35 -8.67
CA LEU A 115 -4.51 12.94 -7.51
C LEU A 115 -4.47 12.05 -6.27
N GLY A 116 -4.16 10.76 -6.45
CA GLY A 116 -4.07 9.84 -5.34
C GLY A 116 -3.71 8.47 -5.88
N GLY A 117 -3.57 7.52 -4.97
CA GLY A 117 -3.29 6.16 -5.39
C GLY A 117 -3.00 5.27 -4.20
N ALA A 118 -2.71 4.01 -4.51
CA ALA A 118 -2.42 2.99 -3.53
C ALA A 118 -1.00 2.47 -3.72
N GLN A 119 -0.48 1.84 -2.66
CA GLN A 119 0.76 1.07 -2.70
C GLN A 119 0.47 -0.32 -2.19
N ILE A 120 1.13 -1.30 -2.77
CA ILE A 120 0.83 -2.70 -2.53
C ILE A 120 2.15 -3.42 -2.38
N SER A 121 2.50 -3.83 -1.16
CA SER A 121 3.62 -4.74 -0.95
C SER A 121 3.38 -6.06 -1.69
N LEU A 122 4.38 -6.49 -2.46
CA LEU A 122 4.30 -7.71 -3.25
C LEU A 122 5.01 -8.88 -2.62
N ALA A 123 5.29 -8.83 -1.32
CA ALA A 123 6.07 -9.87 -0.67
C ALA A 123 5.30 -11.18 -0.48
N GLU A 124 3.98 -11.18 -0.67
CA GLU A 124 3.19 -12.38 -0.48
C GLU A 124 2.36 -12.73 -1.70
N VAL A 125 2.86 -12.34 -2.89
CA VAL A 125 2.29 -12.84 -4.13
C VAL A 125 2.55 -14.33 -4.21
N ALA A 126 1.51 -15.09 -4.54
CA ALA A 126 1.67 -16.53 -4.64
C ALA A 126 2.47 -16.90 -5.89
N ARG A 127 3.13 -18.06 -5.82
CA ARG A 127 3.92 -18.56 -6.93
C ARG A 127 3.15 -19.49 -7.83
N SER A 128 2.15 -20.20 -7.28
CA SER A 128 1.43 -21.23 -8.01
C SER A 128 0.77 -20.66 -9.26
N GLY A 129 -0.13 -19.71 -9.10
CA GLY A 129 -0.78 -19.19 -10.27
C GLY A 129 -2.17 -18.64 -10.02
N GLU A 130 -2.79 -19.00 -8.90
CA GLU A 130 -4.10 -18.45 -8.61
C GLU A 130 -3.97 -16.95 -8.43
N ARG A 131 -4.81 -16.20 -9.13
CA ARG A 131 -4.66 -14.75 -9.19
C ARG A 131 -5.53 -14.11 -8.11
N SER A 132 -4.89 -13.38 -7.21
CA SER A 132 -5.62 -12.63 -6.19
C SER A 132 -6.23 -11.40 -6.82
N THR A 133 -7.47 -11.12 -6.46
CA THR A 133 -8.18 -9.93 -6.90
C THR A 133 -8.71 -9.24 -5.67
N ARG A 134 -8.33 -7.98 -5.49
CA ARG A 134 -8.63 -7.27 -4.26
C ARG A 134 -8.95 -5.82 -4.61
N TRP A 135 -9.57 -5.13 -3.64
CA TRP A 135 -9.90 -3.72 -3.73
C TRP A 135 -8.96 -2.93 -2.84
N TYR A 136 -8.47 -1.80 -3.35
CA TYR A 136 -7.51 -0.99 -2.63
C TYR A 136 -8.03 0.43 -2.52
N ASN A 137 -7.95 1.00 -1.31
CA ASN A 137 -8.35 2.39 -1.14
C ASN A 137 -7.28 3.33 -1.69
N LEU A 138 -7.73 4.44 -2.26
CA LEU A 138 -6.78 5.45 -2.68
C LEU A 138 -6.50 6.39 -1.52
N LEU A 139 -5.30 6.95 -1.53
CA LEU A 139 -4.90 7.99 -0.60
C LEU A 139 -4.33 9.16 -1.40
N SER A 140 -4.63 10.37 -0.96
CA SER A 140 -4.08 11.55 -1.63
C SER A 140 -3.05 12.24 -0.76
N SER B 12 20.71 -7.18 -0.52
CA SER B 12 20.24 -7.63 0.79
C SER B 12 18.71 -7.79 0.76
N GLY B 13 18.05 -6.99 -0.05
CA GLY B 13 16.62 -7.12 -0.28
C GLY B 13 15.80 -6.02 0.38
N ALA B 14 14.49 -6.22 0.34
CA ALA B 14 13.57 -5.31 1.01
C ALA B 14 13.65 -5.44 2.52
N THR B 15 13.54 -4.30 3.20
CA THR B 15 13.18 -4.30 4.61
C THR B 15 11.68 -4.56 4.73
N ARG B 16 11.31 -5.42 5.67
CA ARG B 16 9.92 -5.81 5.84
C ARG B 16 9.46 -5.57 7.27
N ILE B 17 8.16 -5.31 7.40
CA ILE B 17 7.51 -5.14 8.69
C ILE B 17 6.38 -6.16 8.79
N GLN B 18 6.23 -6.76 9.96
CA GLN B 18 5.11 -7.68 10.20
C GLN B 18 4.04 -7.01 11.04
N ILE B 19 2.82 -7.04 10.54
CA ILE B 19 1.69 -6.39 11.16
C ILE B 19 0.51 -7.33 11.12
N ALA B 20 -0.21 -7.39 12.24
CA ALA B 20 -1.49 -8.06 12.33
C ALA B 20 -2.58 -7.01 12.43
N LEU B 21 -3.78 -7.38 12.00
CA LEU B 21 -4.90 -6.45 12.00
C LEU B 21 -6.17 -7.25 12.29
N LYS B 22 -6.93 -6.81 13.28
CA LYS B 22 -8.19 -7.43 13.65
C LYS B 22 -9.18 -6.32 13.97
N TYR B 23 -10.40 -6.43 13.44
CA TYR B 23 -11.47 -5.51 13.81
C TYR B 23 -12.27 -6.08 14.99
N ASP B 24 -12.60 -5.20 15.94
CA ASP B 24 -13.32 -5.59 17.16
C ASP B 24 -14.80 -5.33 16.92
N GLU B 25 -15.45 -6.33 16.34
CA GLU B 25 -16.87 -6.22 16.01
C GLU B 25 -17.69 -5.93 17.27
N LYS B 26 -17.28 -6.51 18.41
CA LYS B 26 -18.01 -6.30 19.66
C LYS B 26 -17.90 -4.86 20.11
N ASN B 27 -16.69 -4.32 20.20
CA ASN B 27 -16.48 -3.00 20.74
C ASN B 27 -16.37 -1.92 19.67
N LYS B 28 -16.48 -2.27 18.40
CA LYS B 28 -16.39 -1.32 17.29
C LYS B 28 -15.06 -0.53 17.37
N GLN B 29 -13.98 -1.30 17.20
CA GLN B 29 -12.64 -0.75 17.32
C GLN B 29 -11.69 -1.56 16.44
N PHE B 30 -10.55 -0.94 16.08
CA PHE B 30 -9.60 -1.51 15.14
C PHE B 30 -8.25 -1.67 15.82
N ALA B 31 -7.65 -2.83 15.67
CA ALA B 31 -6.42 -3.18 16.36
C ALA B 31 -5.27 -3.34 15.37
N ILE B 32 -4.17 -2.65 15.64
CA ILE B 32 -2.97 -2.68 14.83
C ILE B 32 -1.85 -3.20 15.72
N LEU B 33 -1.49 -4.48 15.57
CA LEU B 33 -0.32 -5.03 16.24
C LEU B 33 0.89 -4.85 15.35
N ILE B 34 1.86 -4.05 15.79
CA ILE B 34 3.13 -3.93 15.09
C ILE B 34 4.08 -4.93 15.72
N ILE B 35 4.50 -5.92 14.94
CA ILE B 35 5.24 -7.03 15.51
C ILE B 35 6.73 -6.80 15.39
N GLN B 36 7.25 -6.72 14.16
CA GLN B 36 8.70 -6.71 14.08
C GLN B 36 9.17 -6.26 12.71
N LEU B 37 10.42 -5.83 12.69
CA LEU B 37 11.13 -5.47 11.48
C LEU B 37 12.08 -6.60 11.12
N SER B 38 12.27 -6.80 9.82
CA SER B 38 13.19 -7.80 9.33
C SER B 38 14.06 -7.16 8.27
N ASN B 39 15.32 -7.56 8.23
CA ASN B 39 16.28 -6.98 7.29
C ASN B 39 16.33 -5.46 7.43
N LEU B 40 16.20 -4.99 8.67
CA LEU B 40 16.41 -3.58 8.93
C LEU B 40 17.77 -3.10 8.46
N SER B 41 18.75 -4.00 8.34
CA SER B 41 20.10 -3.65 7.95
C SER B 41 20.20 -3.13 6.53
N ALA B 42 19.16 -3.29 5.72
CA ALA B 42 19.18 -2.80 4.36
C ALA B 42 18.62 -1.39 4.22
N LEU B 43 18.12 -0.80 5.30
CA LEU B 43 17.74 0.61 5.34
C LEU B 43 18.62 1.43 6.30
N LEU B 44 19.34 0.76 7.20
CA LEU B 44 20.11 1.41 8.24
C LEU B 44 21.05 0.40 8.86
N GLN B 45 22.24 0.24 8.29
CA GLN B 45 23.26 -0.58 8.93
C GLN B 45 24.09 0.20 9.94
N GLN B 46 23.86 1.52 10.05
CA GLN B 46 24.47 2.37 11.07
C GLN B 46 23.68 2.19 12.37
N GLN B 47 23.89 1.04 13.01
CA GLN B 47 23.05 0.58 14.11
C GLN B 47 23.57 1.02 15.48
N ASP B 48 24.26 2.16 15.54
CA ASP B 48 24.40 2.94 16.76
C ASP B 48 23.21 3.86 17.00
N GLN B 49 22.03 3.49 16.50
CA GLN B 49 20.87 4.37 16.46
C GLN B 49 19.69 3.67 17.12
N LYS B 50 18.68 4.46 17.47
CA LYS B 50 17.44 3.98 18.02
C LYS B 50 16.31 4.23 17.03
N VAL B 51 15.39 3.28 16.93
CA VAL B 51 14.39 3.24 15.86
C VAL B 51 12.99 3.08 16.45
N ASN B 52 12.02 3.71 15.80
CA ASN B 52 10.62 3.56 16.17
C ASN B 52 9.76 3.54 14.92
N ILE B 53 8.61 2.87 15.02
CA ILE B 53 7.62 2.82 13.95
C ILE B 53 6.61 3.94 14.16
N ARG B 54 6.22 4.59 13.07
CA ARG B 54 5.26 5.68 13.10
C ARG B 54 4.04 5.20 12.33
N VAL B 55 2.90 5.08 13.02
CA VAL B 55 1.69 4.49 12.47
C VAL B 55 0.62 5.57 12.36
N ALA B 56 0.05 5.70 11.16
CA ALA B 56 -0.94 6.73 10.88
C ALA B 56 -2.12 6.09 10.17
N VAL B 57 -3.31 6.25 10.75
CA VAL B 57 -4.55 5.80 10.13
C VAL B 57 -5.13 6.99 9.37
N LEU B 58 -5.03 6.97 8.04
CA LEU B 58 -5.35 8.13 7.25
C LEU B 58 -6.47 7.85 6.28
N PRO B 59 -7.26 8.87 5.91
CA PRO B 59 -7.16 10.26 6.35
C PRO B 59 -7.56 10.41 7.79
N CYS B 60 -6.88 11.30 8.52
CA CYS B 60 -7.08 11.39 9.95
C CYS B 60 -8.48 11.88 10.30
N SER B 61 -9.34 11.00 10.81
CA SER B 61 -10.67 11.39 11.27
C SER B 61 -10.51 12.30 12.47
N GLU B 62 -10.72 13.60 12.29
CA GLU B 62 -10.13 14.58 13.20
C GLU B 62 -10.96 14.79 14.47
N SER B 63 -11.70 13.76 14.88
CA SER B 63 -12.27 13.70 16.22
C SER B 63 -11.50 12.78 17.15
N THR B 64 -11.04 11.64 16.64
CA THR B 64 -10.36 10.63 17.45
C THR B 64 -8.92 10.47 16.98
N THR B 65 -8.07 10.08 17.92
CA THR B 65 -6.63 9.95 17.67
C THR B 65 -6.36 8.98 16.51
N CYS B 66 -5.44 9.39 15.63
CA CYS B 66 -5.09 8.60 14.46
C CYS B 66 -3.59 8.37 14.28
N LEU B 67 -2.71 9.05 15.03
CA LEU B 67 -1.27 8.81 14.95
C LEU B 67 -0.77 8.10 16.19
N PHE B 68 0.15 7.17 15.99
CA PHE B 68 0.70 6.39 17.08
C PHE B 68 2.19 6.18 16.83
N ARG B 69 2.87 5.77 17.89
CA ARG B 69 4.32 5.57 17.84
C ARG B 69 4.72 4.45 18.77
N THR B 70 5.63 3.61 18.29
CA THR B 70 6.22 2.62 19.18
C THR B 70 7.28 3.27 20.03
N ARG B 71 7.64 2.60 21.11
CA ARG B 71 8.79 3.03 21.86
C ARG B 71 10.00 2.99 20.94
N PRO B 72 11.05 3.72 21.26
CA PRO B 72 12.32 3.54 20.56
C PRO B 72 13.01 2.26 20.99
N LEU B 73 13.68 1.62 20.04
CA LEU B 73 14.48 0.45 20.33
C LEU B 73 15.83 0.54 19.65
N ASP B 74 16.85 -0.01 20.29
CA ASP B 74 18.19 -0.08 19.72
C ASP B 74 18.17 -0.88 18.43
N ALA B 75 18.56 -0.23 17.34
CA ALA B 75 18.45 -0.84 16.03
C ALA B 75 19.21 -2.16 15.97
N SER B 76 18.59 -3.14 15.32
CA SER B 76 19.13 -4.46 15.09
C SER B 76 18.55 -4.97 13.78
N ASP B 77 19.28 -5.87 13.11
CA ASP B 77 18.82 -6.36 11.81
C ASP B 77 17.42 -6.91 11.89
N THR B 78 17.07 -7.55 13.00
CA THR B 78 15.73 -8.01 13.29
C THR B 78 15.32 -7.39 14.61
N LEU B 79 14.20 -6.67 14.61
CA LEU B 79 13.80 -5.83 15.73
C LEU B 79 12.34 -6.08 16.07
N VAL B 80 12.06 -6.48 17.30
CA VAL B 80 10.73 -6.90 17.74
C VAL B 80 10.17 -5.83 18.66
N PHE B 81 8.95 -5.37 18.37
CA PHE B 81 8.30 -4.31 19.12
C PHE B 81 7.08 -4.80 19.89
N ASN B 82 6.25 -5.60 19.25
CA ASN B 82 5.02 -6.14 19.85
C ASN B 82 4.28 -5.06 20.64
N GLU B 83 3.87 -4.02 19.91
CA GLU B 83 3.01 -2.98 20.47
C GLU B 83 1.68 -2.97 19.72
N VAL B 84 0.59 -2.78 20.46
CA VAL B 84 -0.76 -2.79 19.92
C VAL B 84 -1.38 -1.41 20.09
N PHE B 85 -1.85 -0.84 18.99
CA PHE B 85 -2.56 0.43 18.99
C PHE B 85 -4.02 0.17 18.64
N TRP B 86 -4.92 0.80 19.40
CA TRP B 86 -6.36 0.60 19.23
C TRP B 86 -6.98 1.89 18.70
N VAL B 87 -7.88 1.75 17.74
CA VAL B 87 -8.46 2.90 17.06
C VAL B 87 -9.97 2.77 17.15
N SER B 88 -10.60 3.83 17.66
CA SER B 88 -12.03 3.85 17.90
C SER B 88 -12.71 4.36 16.65
N MET B 89 -13.32 3.45 15.88
CA MET B 89 -14.05 3.84 14.68
C MET B 89 -14.83 2.64 14.15
N SER B 90 -15.96 2.95 13.52
CA SER B 90 -16.87 1.95 12.99
C SER B 90 -16.32 1.30 11.73
N TYR B 91 -16.74 0.07 11.46
CA TYR B 91 -16.27 -0.60 10.25
C TYR B 91 -16.47 0.27 9.01
N PRO B 92 -17.64 0.86 8.78
CA PRO B 92 -17.81 1.73 7.61
C PRO B 92 -16.72 2.77 7.44
N ALA B 93 -16.28 3.41 8.53
CA ALA B 93 -15.23 4.41 8.40
C ALA B 93 -13.89 3.74 8.11
N LEU B 94 -13.51 2.78 8.95
CA LEU B 94 -12.29 2.02 8.73
C LEU B 94 -12.20 1.49 7.31
N HIS B 95 -13.29 0.93 6.79
CA HIS B 95 -13.28 0.33 5.46
C HIS B 95 -12.75 1.31 4.42
N GLN B 96 -12.71 2.59 4.75
CA GLN B 96 -12.31 3.63 3.83
C GLN B 96 -10.93 4.20 4.10
N LYS B 97 -10.19 3.65 5.05
CA LYS B 97 -8.93 4.23 5.49
C LYS B 97 -7.75 3.50 4.86
N THR B 98 -6.57 4.06 5.13
CA THR B 98 -5.31 3.49 4.71
C THR B 98 -4.37 3.62 5.89
N LEU B 99 -3.48 2.65 6.03
CA LEU B 99 -2.56 2.61 7.15
C LEU B 99 -1.17 2.93 6.63
N ARG B 100 -0.54 3.95 7.21
CA ARG B 100 0.78 4.39 6.80
C ARG B 100 1.74 4.14 7.95
N VAL B 101 2.73 3.27 7.71
CA VAL B 101 3.74 2.92 8.70
C VAL B 101 5.09 3.29 8.14
N ASP B 102 5.92 3.91 8.98
CA ASP B 102 7.26 4.34 8.59
C ASP B 102 8.23 3.97 9.70
N VAL B 103 9.46 3.73 9.30
CA VAL B 103 10.56 3.42 10.20
C VAL B 103 11.38 4.69 10.33
N CYS B 104 11.56 5.18 11.56
CA CYS B 104 12.19 6.47 11.78
C CYS B 104 13.25 6.34 12.86
N THR B 105 14.19 7.29 12.87
CA THR B 105 15.26 7.32 13.86
C THR B 105 15.01 8.43 14.86
N THR B 106 15.04 8.07 16.13
CA THR B 106 15.03 9.03 17.21
C THR B 106 16.42 9.67 17.29
N ASP B 107 16.49 10.97 17.01
CA ASP B 107 17.74 11.71 17.13
C ASP B 107 17.67 12.67 18.31
N LEU B 111 14.33 14.63 17.37
CA LEU B 111 14.56 15.03 15.98
C LEU B 111 14.33 13.84 15.03
N GLU B 112 13.25 13.91 14.24
CA GLU B 112 12.80 12.75 13.48
C GLU B 112 13.30 12.75 12.06
N GLU B 113 13.66 11.56 11.58
CA GLU B 113 14.04 11.27 10.21
C GLU B 113 13.49 9.89 9.88
N CYS B 114 12.87 9.73 8.73
CA CYS B 114 12.19 8.48 8.39
C CYS B 114 12.81 7.87 7.14
N LEU B 115 13.06 6.57 7.20
CA LEU B 115 13.89 5.87 6.26
C LEU B 115 13.11 5.05 5.25
N GLY B 116 11.82 4.86 5.47
CA GLY B 116 11.02 4.02 4.61
C GLY B 116 9.75 3.63 5.31
N GLY B 117 8.78 3.20 4.51
CA GLY B 117 7.52 2.81 5.06
C GLY B 117 6.69 1.97 4.11
N ALA B 118 5.47 1.70 4.54
CA ALA B 118 4.49 0.96 3.77
C ALA B 118 3.16 1.70 3.88
N GLN B 119 2.32 1.50 2.88
CA GLN B 119 1.02 2.16 2.83
C GLN B 119 0.00 1.06 2.56
N ILE B 120 -0.77 0.70 3.60
CA ILE B 120 -1.62 -0.48 3.58
C ILE B 120 -3.07 -0.05 3.52
N SER B 121 -3.75 -0.41 2.43
CA SER B 121 -5.18 -0.15 2.33
C SER B 121 -5.93 -1.06 3.29
N LEU B 122 -6.92 -0.50 3.96
CA LEU B 122 -7.74 -1.27 4.88
C LEU B 122 -9.12 -1.59 4.32
N ALA B 123 -9.29 -1.47 3.00
CA ALA B 123 -10.58 -1.78 2.40
C ALA B 123 -10.95 -3.24 2.59
N GLU B 124 -9.96 -4.13 2.66
CA GLU B 124 -10.25 -5.55 2.69
C GLU B 124 -10.14 -6.13 4.09
N VAL B 125 -10.20 -5.28 5.12
CA VAL B 125 -10.16 -5.76 6.50
C VAL B 125 -11.50 -6.39 6.83
N ALA B 126 -11.46 -7.64 7.30
CA ALA B 126 -12.67 -8.41 7.49
C ALA B 126 -13.47 -7.88 8.68
N ARG B 127 -14.72 -7.48 8.41
CA ARG B 127 -15.67 -7.20 9.47
C ARG B 127 -15.87 -8.43 10.36
N SER B 128 -15.82 -9.61 9.76
CA SER B 128 -15.81 -10.89 10.47
C SER B 128 -15.10 -10.76 11.81
N GLY B 129 -13.83 -10.34 11.78
CA GLY B 129 -13.03 -10.16 12.97
C GLY B 129 -11.84 -11.10 13.10
N GLU B 130 -11.47 -11.82 12.05
CA GLU B 130 -10.34 -12.74 12.13
C GLU B 130 -9.05 -12.04 11.69
N ARG B 131 -7.95 -12.47 12.29
CA ARG B 131 -6.67 -11.81 12.17
C ARG B 131 -6.01 -12.06 10.81
N SER B 132 -5.47 -11.00 10.23
CA SER B 132 -4.55 -11.08 9.10
C SER B 132 -3.17 -10.68 9.58
N THR B 133 -2.17 -11.52 9.33
CA THR B 133 -0.81 -11.28 9.82
C THR B 133 0.15 -11.44 8.64
N ARG B 134 0.37 -10.34 7.91
CA ARG B 134 1.16 -10.34 6.70
C ARG B 134 2.48 -9.62 6.92
N TRP B 135 3.41 -9.87 6.01
CA TRP B 135 4.65 -9.11 5.95
C TRP B 135 4.49 -8.06 4.85
N TYR B 136 5.00 -6.87 5.12
CA TYR B 136 4.85 -5.73 4.23
C TYR B 136 6.22 -5.21 3.85
N ASN B 137 6.48 -5.13 2.56
CA ASN B 137 7.71 -4.51 2.13
C ASN B 137 7.66 -3.04 2.46
N LEU B 138 8.81 -2.51 2.82
CA LEU B 138 8.95 -1.09 3.07
C LEU B 138 9.68 -0.49 1.90
N LEU B 139 9.18 0.66 1.47
CA LEU B 139 9.71 1.41 0.35
C LEU B 139 10.46 2.63 0.85
N SER B 140 11.62 2.90 0.25
CA SER B 140 12.45 4.00 0.71
C SER B 140 12.37 5.23 -0.23
C1 GOL C . 1.25 7.86 -2.96
O1 GOL C . 0.64 6.61 -3.12
C2 GOL C . 0.45 8.55 -1.88
O2 GOL C . -0.87 8.65 -2.24
C3 GOL C . 1.15 9.92 -1.68
O3 GOL C . 0.20 10.94 -1.92
H11 GOL C . 1.25 8.41 -3.77
H12 GOL C . 2.18 7.78 -2.68
HO1 GOL C . -0.14 6.69 -2.79
H2 GOL C . 0.47 8.03 -1.06
HO2 GOL C . -1.10 9.47 -2.22
H31 GOL C . 1.93 9.97 -2.25
H32 GOL C . 1.50 9.98 -0.77
HO3 GOL C . -0.14 11.14 -1.16
C1 GOL D . 0.24 -4.52 0.86
O1 GOL D . 0.69 -3.15 0.84
C2 GOL D . -1.27 -4.61 0.50
O2 GOL D . -1.94 -5.53 1.31
C3 GOL D . -1.89 -3.14 0.58
O3 GOL D . -3.25 -3.29 0.83
H11 GOL D . 0.38 -4.93 1.73
H12 GOL D . 0.76 -5.06 0.25
HO1 GOL D . 1.32 -3.09 1.40
H2 GOL D . -1.37 -4.94 -0.41
HO2 GOL D . -1.91 -6.29 0.92
H31 GOL D . -1.70 -2.65 -0.23
H32 GOL D . -1.44 -2.64 1.29
HO3 GOL D . -3.33 -3.90 1.41
C1 GOL E . 0.03 -9.99 -1.60
O1 GOL E . 1.30 -9.31 -1.76
C2 GOL E . -1.00 -9.41 -2.65
O2 GOL E . -1.53 -10.44 -3.45
C3 GOL E . -2.15 -8.65 -1.84
O3 GOL E . -1.59 -7.45 -1.31
H11 GOL E . -0.33 -9.88 -0.71
H12 GOL E . 0.13 -10.94 -1.74
HO1 GOL E . 1.14 -8.49 -1.64
H2 GOL E . -0.55 -8.81 -3.27
HO2 GOL E . -1.90 -11.00 -2.95
H31 GOL E . -2.51 -9.24 -1.16
H32 GOL E . -2.89 -8.46 -2.44
HO3 GOL E . -2.25 -6.96 -1.09
C1 GOL F . -18.91 2.60 1.32
O1 GOL F . -17.96 3.53 0.88
C2 GOL F . -18.94 1.49 0.25
O2 GOL F . -17.68 1.22 -0.25
C3 GOL F . -19.52 0.27 0.95
O3 GOL F . -18.42 -0.44 1.41
H11 GOL F . -19.79 2.98 1.43
H12 GOL F . -18.66 2.22 2.18
HO1 GOL F . -17.97 4.17 1.44
H2 GOL F . -19.48 1.76 -0.51
HO2 GOL F . -17.36 0.56 0.18
H31 GOL F . -20.08 -0.23 0.33
H32 GOL F . -20.12 0.56 1.66
HO3 GOL F . -18.71 -1.17 1.74
C1 GOL G . -16.10 -1.19 -2.63
O1 GOL G . -16.23 -0.78 -3.97
C2 GOL G . -15.94 -2.74 -2.59
O2 GOL G . -15.85 -3.20 -1.25
C3 GOL G . -17.19 -3.29 -3.37
O3 GOL G . -17.35 -2.47 -4.48
H11 GOL G . -15.33 -0.78 -2.21
H12 GOL G . -16.86 -0.92 -2.11
HO1 GOL G . -16.39 0.05 -3.96
H2 GOL G . -15.12 -3.01 -3.03
HO2 GOL G . -15.92 -4.06 -1.27
H31 GOL G . -17.04 -4.22 -3.58
H32 GOL G . -17.96 -3.28 -2.79
HO3 GOL G . -16.67 -2.59 -4.97
C1 GOL H . 2.94 -18.04 -1.02
O1 GOL H . 4.07 -17.33 -0.46
C2 GOL H . 3.42 -19.20 -2.07
O2 GOL H . 4.07 -20.27 -1.47
C3 GOL H . 2.12 -19.69 -2.77
O3 GOL H . 2.50 -20.65 -3.68
H11 GOL H . 2.39 -18.45 -0.33
H12 GOL H . 2.34 -17.43 -1.47
HO1 GOL H . 3.76 -16.60 -0.14
H2 GOL H . 4.05 -18.83 -2.72
HO2 GOL H . 3.88 -20.98 -1.91
H31 GOL H . 1.67 -18.93 -3.16
H32 GOL H . 1.51 -20.04 -2.10
HO3 GOL H . 1.78 -20.93 -4.05
S SO4 I . -5.60 -17.11 -14.22
O1 SO4 I . -5.30 -15.72 -14.59
O2 SO4 I . -6.09 -17.78 -15.42
O3 SO4 I . -6.63 -17.19 -13.17
O4 SO4 I . -4.36 -17.74 -13.75
S SO4 J . -15.63 -6.27 -15.12
O1 SO4 J . -16.92 -6.44 -14.42
O2 SO4 J . -15.89 -5.91 -16.51
O3 SO4 J . -14.98 -5.16 -14.47
O4 SO4 J . -14.75 -7.47 -15.05
P1 PBU K . -11.85 -12.64 -17.09
P4 PBU K . -17.97 -14.08 -11.76
P5 PBU K . -14.65 -17.62 -12.79
C3' PBU K . -9.60 -12.46 -18.36
C2' PBU K . -8.29 -11.68 -18.48
O2' PBU K . -7.47 -12.05 -17.39
C1' PBU K . -8.55 -10.16 -18.52
O1' PBU K . -9.93 -9.89 -18.68
C1 PBU K . -13.50 -13.38 -15.20
O1 PBU K . -12.25 -12.78 -15.50
C2 PBU K . -14.54 -12.26 -14.94
O2 PBU K . -13.89 -11.11 -14.42
C3 PBU K . -15.71 -12.60 -13.99
O3 PBU K . -15.89 -11.47 -13.14
C4 PBU K . -15.62 -13.88 -13.11
O4 PBU K . -16.93 -14.43 -13.02
C5 PBU K . -14.64 -14.99 -13.61
O5 PBU K . -14.43 -15.97 -12.59
C6 PBU K . -13.30 -14.37 -14.04
O6 PBU K . -12.39 -15.37 -14.45
C7 PBU K . -6.13 -11.73 -17.52
O7 PBU K . -5.83 -10.92 -18.33
C8 PBU K . -5.04 -12.35 -16.62
C9 PBU K . -4.15 -11.26 -16.03
C10 PBU K . -3.83 -11.53 -14.56
C11 PBU K . -10.30 -8.90 -19.61
O11 PBU K . -9.57 -7.99 -19.82
C12 PBU K . -11.64 -8.98 -20.37
C13 PBU K . -11.75 -7.95 -21.51
C14 PBU K . -12.16 -8.64 -22.81
O41 PBU K . -18.71 -15.36 -11.44
O42 PBU K . -17.17 -13.66 -10.54
O43 PBU K . -18.95 -12.98 -12.11
O51 PBU K . -14.77 -17.97 -14.26
O52 PBU K . -13.48 -18.36 -12.18
O53 PBU K . -15.90 -18.06 -12.05
OP1 PBU K . -10.33 -12.03 -17.24
OP2 PBU K . -11.85 -14.02 -17.71
OP3 PBU K . -12.85 -11.71 -17.74
H3'1 PBU K . -10.13 -12.33 -19.16
H3'2 PBU K . -9.40 -13.41 -18.26
H2' PBU K . -7.85 -11.94 -19.30
H1'1 PBU K . -8.06 -9.77 -19.25
H1'2 PBU K . -8.25 -9.77 -17.69
H1 PBU K . -13.80 -13.88 -15.97
H2 PBU K . -14.92 -12.02 -15.79
H02 PBU K . -13.75 -11.22 -13.59
H3 PBU K . -16.51 -12.68 -14.54
H03 PBU K . -16.55 -11.60 -12.63
H4 PBU K . -15.33 -13.62 -12.23
H5 PBU K . -15.04 -15.42 -14.39
H6 PBU K . -12.92 -13.89 -13.27
H06 PBU K . -11.59 -15.10 -14.35
H81 PBU K . -4.50 -12.96 -17.15
H82 PBU K . -5.47 -12.85 -15.90
H91 PBU K . -4.60 -10.40 -16.10
H92 PBU K . -3.32 -11.22 -16.53
H11 PBU K . -4.64 -11.54 -14.04
H12 PBU K . -3.24 -10.82 -14.22
H13 PBU K . -3.38 -12.39 -14.48
H121 PBU K . -12.37 -8.81 -19.75
H122 PBU K . -11.75 -9.86 -20.74
H131 PBU K . -10.88 -7.52 -21.64
H132 PBU K . -12.41 -7.27 -21.28
H141 PBU K . -12.96 -9.19 -22.65
H142 PBU K . -11.44 -9.21 -23.12
H143 PBU K . -12.37 -7.97 -23.49
C1 GOL L . 11.50 -13.38 6.97
O1 GOL L . 10.71 -14.43 7.46
C2 GOL L . 10.54 -12.29 6.48
O2 GOL L . 11.22 -11.28 5.80
C3 GOL L . 9.53 -13.02 5.60
O3 GOL L . 9.28 -14.22 6.23
H11 GOL L . 12.10 -13.02 7.64
H12 GOL L . 12.07 -13.68 6.24
HO1 GOL L . 10.75 -14.38 8.30
H2 GOL L . 10.11 -11.86 7.23
HO2 GOL L . 10.91 -10.53 6.07
H31 GOL L . 8.74 -12.45 5.48
H32 GOL L . 9.89 -13.13 4.71
HO3 GOL L . 8.73 -14.65 5.74
C1 GOL M . -3.99 12.83 17.33
O1 GOL M . -3.84 11.59 16.72
C2 GOL M . -4.68 13.74 16.31
O2 GOL M . -3.94 13.87 15.14
C3 GOL M . -6.06 13.06 16.07
O3 GOL M . -6.76 13.87 15.19
H11 GOL M . -4.51 12.79 18.14
H12 GOL M . -3.13 13.22 17.58
HO1 GOL M . -3.66 11.75 15.90
H2 GOL M . -4.80 14.64 16.66
HO2 GOL M . -4.47 14.05 14.51
H31 GOL M . -5.91 12.16 15.76
H32 GOL M . -6.53 12.97 16.92
HO3 GOL M . -6.61 13.55 14.41
S SO4 N . 11.74 -14.13 -0.31
O1 SO4 N . 10.29 -14.19 -0.36
O2 SO4 N . 12.30 -13.81 -1.61
O3 SO4 N . 12.15 -13.12 0.65
O4 SO4 N . 12.23 -15.44 0.11
S SO4 O . -7.59 -13.10 17.81
O1 SO4 O . -8.96 -13.13 17.29
O2 SO4 O . -7.17 -11.71 17.91
O3 SO4 O . -6.70 -13.85 16.90
O4 SO4 O . -7.52 -13.71 19.13
#